data_7RUV
#
_entry.id   7RUV
#
_cell.length_a   121.181
_cell.length_b   121.181
_cell.length_c   169.770
_cell.angle_alpha   90.000
_cell.angle_beta   90.000
_cell.angle_gamma   120.000
#
_symmetry.space_group_name_H-M   'H 3'
#
loop_
_entity.id
_entity.type
_entity.pdbx_description
1 polymer 'Corrinoid adenosyltransferase'
2 non-polymer 'POTASSIUM ION'
3 non-polymer 'MAGNESIUM ION'
4 non-polymer COBALAMIN
5 non-polymer "5'-DEOXYADENOSINE"
6 non-polymer GLYCEROL
7 water water
#
_entity_poly.entity_id   1
_entity_poly.type   'polypeptide(L)'
_entity_poly.pdbx_seq_one_letter_code
;MPKIYTKTGDKGFSSTFTGERRPKDDQVFEAVGTTDELSSAIGFALELVTEKGHTFAEELQKIQCTLQDVGSALATPCSS
AREAHLKYTTFKAGPILELEQWIDKYTSQLPPLTAFILPSGGKISSALHFCRAVCRRAKRRVVPLVQMGETDANVAKFLN
RLSDYLFTLARYAAMKEGNQEKIYMKNDPSAESEGL
;
_entity_poly.pdbx_strand_id   A,B,C,D
#
# COMPACT_ATOMS: atom_id res chain seq x y z
N ASP A 25 2.88 33.27 -22.40
CA ASP A 25 3.35 33.00 -21.04
C ASP A 25 4.84 32.64 -21.04
N ASP A 26 5.57 33.24 -20.12
CA ASP A 26 6.96 32.85 -19.92
C ASP A 26 7.09 31.45 -19.35
N GLN A 27 6.07 30.99 -18.61
CA GLN A 27 6.10 29.65 -18.05
C GLN A 27 6.06 28.59 -19.15
N VAL A 28 5.40 28.90 -20.27
CA VAL A 28 5.33 27.96 -21.39
C VAL A 28 6.69 27.85 -22.08
N PHE A 29 7.35 28.99 -22.33
CA PHE A 29 8.68 28.98 -22.90
C PHE A 29 9.67 28.24 -22.00
N GLU A 30 9.57 28.44 -20.68
CA GLU A 30 10.46 27.74 -19.77
C GLU A 30 10.22 26.23 -19.82
N ALA A 31 8.96 25.81 -19.88
CA ALA A 31 8.64 24.38 -19.89
C ALA A 31 9.07 23.73 -21.19
N VAL A 32 8.69 24.32 -22.32
CA VAL A 32 9.01 23.70 -23.59
C VAL A 32 10.52 23.82 -23.88
N GLY A 33 11.16 24.88 -23.39
CA GLY A 33 12.60 25.00 -23.51
C GLY A 33 13.34 23.91 -22.76
N THR A 34 12.79 23.45 -21.64
CA THR A 34 13.46 22.45 -20.83
C THR A 34 13.18 21.03 -21.32
N THR A 35 12.00 20.76 -21.86
CA THR A 35 11.82 19.48 -22.53
C THR A 35 12.68 19.40 -23.79
N ASP A 36 12.89 20.55 -24.47
CA ASP A 36 13.84 20.63 -25.57
C ASP A 36 15.26 20.29 -25.10
N GLU A 37 15.69 20.92 -24.01
CA GLU A 37 17.00 20.63 -23.42
C GLU A 37 17.12 19.15 -23.04
N LEU A 38 16.07 18.60 -22.42
CA LEU A 38 16.06 17.17 -22.12
C LEU A 38 16.22 16.32 -23.37
N SER A 39 15.44 16.58 -24.43
CA SER A 39 15.55 15.76 -25.64
C SER A 39 16.93 15.84 -26.24
N SER A 40 17.54 17.02 -26.18
CA SER A 40 18.88 17.20 -26.70
C SER A 40 19.92 16.47 -25.86
N ALA A 41 19.81 16.56 -24.53
CA ALA A 41 20.68 15.74 -23.67
C ALA A 41 20.55 14.25 -24.02
N ILE A 42 19.32 13.77 -24.23
CA ILE A 42 19.13 12.37 -24.57
C ILE A 42 19.74 12.08 -25.94
N GLY A 43 19.64 13.02 -26.87
CA GLY A 43 20.32 12.86 -28.14
C GLY A 43 21.79 12.57 -27.99
N PHE A 44 22.47 13.29 -27.09
CA PHE A 44 23.89 13.03 -26.90
C PHE A 44 24.12 11.67 -26.25
N ALA A 45 23.36 11.36 -25.19
CA ALA A 45 23.50 10.03 -24.58
C ALA A 45 23.25 8.94 -25.62
N LEU A 46 22.30 9.18 -26.53
CA LEU A 46 22.01 8.20 -27.58
C LEU A 46 23.23 7.93 -28.43
N GLU A 47 24.03 8.97 -28.70
CA GLU A 47 25.24 8.77 -29.49
C GLU A 47 26.22 7.87 -28.78
N LEU A 48 26.38 8.04 -27.46
CA LEU A 48 27.30 7.16 -26.73
C LEU A 48 26.76 5.74 -26.68
N VAL A 49 25.44 5.59 -26.65
CA VAL A 49 24.83 4.26 -26.60
C VAL A 49 25.15 3.51 -27.88
N THR A 50 24.79 4.10 -29.03
CA THR A 50 24.94 3.45 -30.32
C THR A 50 26.40 3.13 -30.63
N GLU A 51 27.33 3.91 -30.08
CA GLU A 51 28.75 3.59 -30.25
C GLU A 51 29.09 2.24 -29.63
N LYS A 52 28.69 2.03 -28.38
CA LYS A 52 28.92 0.74 -27.75
C LYS A 52 27.83 -0.29 -28.07
N GLY A 53 26.97 -0.01 -29.05
CA GLY A 53 26.04 -0.99 -29.59
C GLY A 53 24.98 -1.52 -28.65
N HIS A 54 24.71 -0.84 -27.54
CA HIS A 54 23.62 -1.26 -26.66
C HIS A 54 22.29 -1.25 -27.41
N THR A 55 21.41 -2.17 -27.03
CA THR A 55 20.18 -2.39 -27.79
C THR A 55 19.15 -1.31 -27.56
N PHE A 56 19.20 -0.62 -26.42
CA PHE A 56 18.14 0.28 -26.00
C PHE A 56 18.23 1.67 -26.62
N ALA A 57 19.07 1.83 -27.65
CA ALA A 57 19.08 3.08 -28.42
C ALA A 57 17.69 3.43 -28.91
N GLU A 58 16.96 2.45 -29.47
CA GLU A 58 15.66 2.72 -30.08
C GLU A 58 14.64 3.19 -29.05
N GLU A 59 14.75 2.71 -27.80
CA GLU A 59 13.89 3.21 -26.73
C GLU A 59 14.14 4.69 -26.47
N LEU A 60 15.42 5.09 -26.40
CA LEU A 60 15.75 6.51 -26.19
C LEU A 60 15.20 7.36 -27.33
N GLN A 61 15.33 6.87 -28.56
CA GLN A 61 14.82 7.62 -29.71
C GLN A 61 13.31 7.74 -29.65
N LYS A 62 12.60 6.67 -29.27
CA LYS A 62 11.16 6.74 -29.14
C LYS A 62 10.77 7.77 -28.09
N ILE A 63 11.52 7.84 -26.99
CA ILE A 63 11.26 8.85 -25.98
C ILE A 63 11.41 10.24 -26.58
N GLN A 64 12.37 10.44 -27.49
CA GLN A 64 12.50 11.75 -28.13
C GLN A 64 11.24 12.09 -28.90
N CYS A 65 10.65 11.10 -29.58
CA CYS A 65 9.39 11.33 -30.28
C CYS A 65 8.29 11.79 -29.32
N THR A 66 8.17 11.09 -28.20
CA THR A 66 7.14 11.47 -27.23
C THR A 66 7.42 12.85 -26.62
N LEU A 67 8.69 13.18 -26.40
CA LEU A 67 9.01 14.52 -25.93
C LEU A 67 8.61 15.59 -26.95
N GLN A 68 8.68 15.26 -28.24
CA GLN A 68 8.13 16.18 -29.24
C GLN A 68 6.62 16.37 -29.03
N ASP A 69 5.89 15.26 -28.79
CA ASP A 69 4.46 15.35 -28.48
C ASP A 69 4.23 16.15 -27.21
N VAL A 70 5.11 16.01 -26.21
CA VAL A 70 4.99 16.79 -24.98
C VAL A 70 5.13 18.28 -25.27
N GLY A 71 6.11 18.66 -26.10
CA GLY A 71 6.23 20.05 -26.50
C GLY A 71 4.99 20.58 -27.19
N SER A 72 4.41 19.80 -28.10
CA SER A 72 3.14 20.21 -28.72
C SER A 72 2.05 20.38 -27.65
N ALA A 73 1.97 19.44 -26.70
CA ALA A 73 0.93 19.52 -25.67
C ALA A 73 1.13 20.72 -24.77
N LEU A 74 2.38 21.10 -24.51
CA LEU A 74 2.62 22.23 -23.61
C LEU A 74 2.25 23.55 -24.26
N ALA A 75 2.46 23.70 -25.57
CA ALA A 75 2.20 24.95 -26.30
C ALA A 75 0.93 24.80 -27.14
N THR A 76 -0.17 25.42 -26.70
CA THR A 76 -1.44 25.30 -27.42
C THR A 76 -2.23 26.61 -27.47
N LYS A 87 -9.67 23.07 -22.69
CA LYS A 87 -8.76 24.21 -22.70
C LYS A 87 -7.35 23.76 -23.11
N TYR A 88 -6.93 22.59 -22.62
CA TYR A 88 -5.59 22.08 -22.88
C TYR A 88 -5.64 20.86 -23.82
N THR A 89 -4.52 20.58 -24.47
CA THR A 89 -4.47 19.45 -25.38
C THR A 89 -4.30 18.15 -24.59
N THR A 90 -5.19 17.19 -24.88
CA THR A 90 -5.12 15.89 -24.24
C THR A 90 -3.81 15.19 -24.59
N PHE A 91 -3.13 14.68 -23.57
CA PHE A 91 -1.93 13.88 -23.75
C PHE A 91 -2.26 12.47 -23.29
N LYS A 92 -2.31 11.53 -24.24
CA LYS A 92 -2.76 10.17 -23.93
C LYS A 92 -1.75 9.47 -23.01
N ALA A 93 -2.25 8.56 -22.20
CA ALA A 93 -1.45 7.86 -21.21
C ALA A 93 -0.69 6.66 -21.78
N GLY A 94 -0.78 6.41 -23.08
CA GLY A 94 -0.03 5.35 -23.73
C GLY A 94 1.46 5.33 -23.42
N PRO A 95 2.17 6.43 -23.72
CA PRO A 95 3.62 6.45 -23.42
C PRO A 95 3.95 6.20 -21.96
N ILE A 96 3.12 6.66 -21.01
CA ILE A 96 3.38 6.38 -19.60
C ILE A 96 3.36 4.88 -19.34
N LEU A 97 2.35 4.18 -19.89
CA LEU A 97 2.26 2.75 -19.65
C LEU A 97 3.40 2.00 -20.34
N GLU A 98 3.84 2.48 -21.50
CA GLU A 98 4.99 1.88 -22.16
C GLU A 98 6.26 2.07 -21.33
N LEU A 99 6.45 3.25 -20.74
CA LEU A 99 7.61 3.47 -19.88
C LEU A 99 7.59 2.50 -18.71
N GLU A 100 6.44 2.40 -18.05
CA GLU A 100 6.29 1.50 -16.91
C GLU A 100 6.64 0.06 -17.29
N GLN A 101 6.25 -0.37 -18.48
CA GLN A 101 6.66 -1.67 -18.97
C GLN A 101 8.19 -1.77 -19.09
N TRP A 102 8.83 -0.75 -19.67
CA TRP A 102 10.29 -0.79 -19.77
C TRP A 102 10.94 -0.76 -18.39
N ILE A 103 10.40 0.05 -17.48
CA ILE A 103 10.95 0.14 -16.13
C ILE A 103 10.94 -1.23 -15.47
N ASP A 104 9.82 -1.94 -15.55
CA ASP A 104 9.74 -3.28 -14.96
C ASP A 104 10.73 -4.23 -15.62
N LYS A 105 10.89 -4.14 -16.93
CA LYS A 105 11.83 -5.01 -17.63
C LYS A 105 13.26 -4.86 -17.09
N TYR A 106 13.68 -3.63 -16.76
CA TYR A 106 15.06 -3.41 -16.35
C TYR A 106 15.25 -3.58 -14.85
N THR A 107 14.32 -3.06 -14.03
CA THR A 107 14.45 -3.21 -12.59
C THR A 107 14.47 -4.68 -12.19
N SER A 108 13.74 -5.53 -12.91
CA SER A 108 13.74 -6.96 -12.60
C SER A 108 15.08 -7.64 -12.90
N GLN A 109 16.02 -6.93 -13.53
CA GLN A 109 17.34 -7.47 -13.85
C GLN A 109 18.44 -6.97 -12.94
N LEU A 110 18.12 -6.06 -12.02
CA LEU A 110 19.10 -5.31 -11.26
C LEU A 110 19.19 -5.84 -9.83
N PRO A 111 20.34 -5.66 -9.16
CA PRO A 111 20.44 -6.10 -7.78
C PRO A 111 19.61 -5.19 -6.90
N PRO A 112 19.24 -5.63 -5.70
CA PRO A 112 18.47 -4.75 -4.81
C PRO A 112 19.29 -3.52 -4.46
N LEU A 113 18.58 -2.43 -4.17
CA LEU A 113 19.20 -1.16 -3.85
C LEU A 113 18.29 -0.44 -2.87
N THR A 114 18.83 -0.11 -1.69
CA THR A 114 18.08 0.65 -0.69
C THR A 114 18.82 1.91 -0.27
N ALA A 115 19.71 2.40 -1.14
CA ALA A 115 20.60 3.49 -0.82
C ALA A 115 20.85 4.32 -2.07
N PHE A 116 21.19 5.59 -1.88
CA PHE A 116 21.60 6.42 -3.00
C PHE A 116 22.89 5.88 -3.60
N ILE A 117 23.03 6.05 -4.92
CA ILE A 117 24.28 5.71 -5.59
C ILE A 117 24.96 7.00 -6.02
N LEU A 118 26.27 6.93 -6.22
CA LEU A 118 26.94 8.06 -6.87
C LEU A 118 26.70 7.97 -8.37
N PRO A 119 26.29 9.07 -9.03
CA PRO A 119 25.97 8.96 -10.47
C PRO A 119 27.09 8.34 -11.33
N GLY A 121 28.66 5.51 -13.37
CA GLY A 121 29.10 4.13 -13.59
C GLY A 121 29.41 3.77 -15.04
N GLY A 122 30.29 4.55 -15.67
CA GLY A 122 30.53 4.45 -17.09
C GLY A 122 30.00 5.69 -17.82
N LYS A 123 30.49 5.87 -19.05
CA LYS A 123 30.14 7.09 -19.78
C LYS A 123 28.64 7.13 -20.10
N ILE A 124 28.10 6.04 -20.64
CA ILE A 124 26.67 5.99 -20.93
C ILE A 124 25.85 6.19 -19.66
N SER A 125 26.15 5.43 -18.61
CA SER A 125 25.38 5.55 -17.38
C SER A 125 25.43 6.97 -16.82
N SER A 126 26.63 7.58 -16.74
CA SER A 126 26.70 8.92 -16.19
C SER A 126 25.97 9.92 -17.07
N ALA A 127 26.04 9.75 -18.40
CA ALA A 127 25.27 10.62 -19.29
C ALA A 127 23.78 10.48 -19.04
N LEU A 128 23.31 9.24 -18.80
CA LEU A 128 21.90 9.02 -18.51
C LEU A 128 21.50 9.63 -17.16
N HIS A 129 22.42 9.60 -16.16
CA HIS A 129 22.12 10.26 -14.90
C HIS A 129 21.98 11.76 -15.10
N PHE A 130 22.80 12.35 -15.98
CA PHE A 130 22.62 13.77 -16.28
C PHE A 130 21.30 14.02 -16.99
N CYS A 131 20.94 13.16 -17.96
CA CYS A 131 19.61 13.25 -18.58
C CYS A 131 18.49 13.14 -17.55
N ARG A 132 18.67 12.27 -16.56
CA ARG A 132 17.69 12.08 -15.49
C ARG A 132 17.47 13.38 -14.70
N ALA A 133 18.57 14.02 -14.28
CA ALA A 133 18.45 15.28 -13.55
C ALA A 133 17.83 16.37 -14.42
N VAL A 134 18.18 16.43 -15.70
CA VAL A 134 17.56 17.41 -16.59
C VAL A 134 16.07 17.12 -16.74
N CYS A 135 15.72 15.83 -16.78
CA CYS A 135 14.31 15.43 -16.86
C CYS A 135 13.52 15.92 -15.66
N ARG A 136 14.11 15.81 -14.46
CA ARG A 136 13.42 16.22 -13.25
C ARG A 136 13.26 17.73 -13.18
N ARG A 137 14.25 18.47 -13.69
CA ARG A 137 14.10 19.92 -13.87
C ARG A 137 12.98 20.24 -14.86
N ALA A 138 12.89 19.50 -15.98
CA ALA A 138 11.77 19.68 -16.90
C ALA A 138 10.43 19.44 -16.21
N LYS A 139 10.34 18.40 -15.38
CA LYS A 139 9.09 18.14 -14.66
C LYS A 139 8.71 19.33 -13.76
N ARG A 140 9.69 19.93 -13.09
CA ARG A 140 9.38 21.05 -12.21
C ARG A 140 8.85 22.24 -13.01
N ARG A 141 9.35 22.43 -14.24
CA ARG A 141 8.87 23.54 -15.05
C ARG A 141 7.47 23.31 -15.57
N VAL A 142 7.01 22.06 -15.61
CA VAL A 142 5.67 21.76 -16.10
C VAL A 142 4.61 21.90 -15.01
N VAL A 143 5.02 21.74 -13.74
CA VAL A 143 4.07 21.76 -12.62
C VAL A 143 3.15 22.98 -12.65
N PRO A 144 3.65 24.22 -12.73
CA PRO A 144 2.73 25.37 -12.72
C PRO A 144 1.73 25.33 -13.87
N LEU A 145 2.09 24.77 -15.01
CA LEU A 145 1.14 24.70 -16.12
C LEU A 145 0.04 23.69 -15.83
N VAL A 146 0.39 22.60 -15.16
CA VAL A 146 -0.63 21.61 -14.75
C VAL A 146 -1.51 22.20 -13.66
N GLN A 147 -0.89 22.81 -12.64
CA GLN A 147 -1.64 23.48 -11.58
C GLN A 147 -2.63 24.48 -12.15
N MET A 148 -2.16 25.37 -13.03
CA MET A 148 -3.05 26.36 -13.65
C MET A 148 -4.05 25.73 -14.62
N GLY A 149 -4.03 24.41 -14.81
CA GLY A 149 -4.95 23.74 -15.71
C GLY A 149 -4.65 23.90 -17.19
N GLU A 150 -3.48 24.44 -17.55
CA GLU A 150 -3.16 24.72 -18.94
C GLU A 150 -2.60 23.51 -19.69
N THR A 151 -2.11 22.49 -19.00
CA THR A 151 -1.66 21.29 -19.70
C THR A 151 -2.18 20.06 -18.98
N ASP A 152 -2.27 18.97 -19.73
CA ASP A 152 -2.71 17.70 -19.19
C ASP A 152 -1.78 17.22 -18.07
N ALA A 153 -2.37 16.78 -16.96
CA ALA A 153 -1.54 16.27 -15.86
C ALA A 153 -0.74 15.05 -16.28
N ASN A 154 -1.13 14.37 -17.37
CA ASN A 154 -0.38 13.23 -17.86
C ASN A 154 1.01 13.62 -18.35
N VAL A 155 1.17 14.86 -18.82
CA VAL A 155 2.49 15.38 -19.18
C VAL A 155 3.44 15.25 -17.99
N ALA A 156 3.02 15.74 -16.82
CA ALA A 156 3.86 15.68 -15.64
C ALA A 156 4.06 14.25 -15.17
N LYS A 157 3.03 13.41 -15.28
CA LYS A 157 3.18 12.00 -14.94
C LYS A 157 4.22 11.34 -15.84
N PHE A 158 4.16 11.63 -17.15
CA PHE A 158 5.14 11.04 -18.06
C PHE A 158 6.56 11.44 -17.68
N LEU A 159 6.79 12.72 -17.40
CA LEU A 159 8.13 13.18 -17.05
C LEU A 159 8.60 12.55 -15.74
N ASN A 160 7.68 12.37 -14.79
CA ASN A 160 7.99 11.65 -13.56
C ASN A 160 8.55 10.26 -13.85
N ARG A 161 7.78 9.46 -14.57
CA ARG A 161 8.18 8.08 -14.86
C ARG A 161 9.39 8.06 -15.78
N LEU A 162 9.56 9.09 -16.61
CA LEU A 162 10.75 9.13 -17.45
C LEU A 162 11.99 9.23 -16.58
N SER A 163 11.93 9.99 -15.49
CA SER A 163 13.11 10.09 -14.63
C SER A 163 13.36 8.79 -13.89
N ASP A 164 12.30 8.04 -13.54
CA ASP A 164 12.49 6.70 -12.98
C ASP A 164 13.12 5.76 -14.01
N TYR A 165 12.69 5.88 -15.27
CA TYR A 165 13.24 5.05 -16.34
C TYR A 165 14.72 5.34 -16.56
N LEU A 166 15.09 6.62 -16.62
CA LEU A 166 16.49 6.96 -16.87
C LEU A 166 17.38 6.49 -15.73
N PHE A 167 16.90 6.61 -14.49
CA PHE A 167 17.65 6.10 -13.36
C PHE A 167 17.89 4.61 -13.51
N THR A 168 16.84 3.88 -13.87
CA THR A 168 16.92 2.43 -13.98
C THR A 168 17.80 2.02 -15.17
N LEU A 169 17.65 2.72 -16.31
CA LEU A 169 18.46 2.41 -17.49
C LEU A 169 19.94 2.68 -17.23
N ALA A 170 20.25 3.75 -16.51
CA ALA A 170 21.66 4.01 -16.19
C ALA A 170 22.23 2.88 -15.33
N ARG A 171 21.49 2.44 -14.30
CA ARG A 171 21.94 1.30 -13.51
C ARG A 171 22.13 0.08 -14.39
N TYR A 172 21.24 -0.11 -15.38
CA TYR A 172 21.30 -1.28 -16.23
C TYR A 172 22.50 -1.22 -17.15
N ALA A 173 22.75 -0.05 -17.77
CA ALA A 173 23.95 0.10 -18.60
C ALA A 173 25.21 -0.12 -17.79
N ALA A 174 25.27 0.43 -16.57
CA ALA A 174 26.44 0.24 -15.72
C ALA A 174 26.65 -1.24 -15.41
N MET A 175 25.57 -1.96 -15.05
CA MET A 175 25.67 -3.40 -14.81
C MET A 175 26.15 -4.14 -16.05
N LYS A 176 25.54 -3.88 -17.20
CA LYS A 176 25.95 -4.62 -18.39
C LYS A 176 27.36 -4.28 -18.83
N GLU A 177 27.97 -3.21 -18.29
CA GLU A 177 29.37 -2.91 -18.56
C GLU A 177 30.31 -3.48 -17.50
N GLY A 178 29.78 -4.12 -16.46
CA GLY A 178 30.62 -4.65 -15.42
C GLY A 178 31.12 -3.63 -14.41
N ASN A 179 30.57 -2.43 -14.42
CA ASN A 179 30.95 -1.38 -13.48
C ASN A 179 30.15 -1.53 -12.21
N GLN A 180 30.83 -1.42 -11.08
CA GLN A 180 30.18 -1.68 -9.81
C GLN A 180 29.48 -0.44 -9.31
N GLU A 181 28.31 -0.65 -8.73
CA GLU A 181 27.50 0.42 -8.14
C GLU A 181 28.20 0.98 -6.92
N LYS A 182 28.43 2.29 -6.89
CA LYS A 182 29.19 2.91 -5.82
C LYS A 182 28.21 3.58 -4.86
N ILE A 183 28.24 3.15 -3.59
CA ILE A 183 27.28 3.57 -2.57
C ILE A 183 28.05 4.21 -1.41
N TYR A 184 27.78 5.49 -1.16
CA TYR A 184 28.44 6.26 -0.12
C TYR A 184 27.74 6.07 1.21
N MET A 185 28.53 5.83 2.26
CA MET A 185 28.00 5.62 3.61
C MET A 185 28.44 6.69 4.59
N ASP B 25 -14.26 -12.74 6.77
CA ASP B 25 -15.44 -12.53 7.62
C ASP B 25 -15.65 -11.05 7.93
N ASP B 26 -16.92 -10.63 7.92
CA ASP B 26 -17.28 -9.28 8.33
C ASP B 26 -16.78 -8.97 9.74
N GLN B 27 -17.04 -9.89 10.68
CA GLN B 27 -16.72 -9.65 12.08
C GLN B 27 -15.23 -9.45 12.28
N VAL B 28 -14.41 -10.12 11.47
CA VAL B 28 -12.96 -9.99 11.57
C VAL B 28 -12.54 -8.56 11.24
N PHE B 29 -13.00 -8.05 10.10
CA PHE B 29 -12.64 -6.69 9.72
C PHE B 29 -13.12 -5.68 10.73
N GLU B 30 -14.33 -5.88 11.27
CA GLU B 30 -14.85 -4.95 12.26
C GLU B 30 -14.01 -4.99 13.54
N ALA B 31 -13.58 -6.19 13.97
CA ALA B 31 -12.82 -6.29 15.21
C ALA B 31 -11.43 -5.69 15.07
N VAL B 32 -10.74 -6.00 13.95
CA VAL B 32 -9.42 -5.46 13.69
C VAL B 32 -9.48 -3.96 13.40
N GLY B 33 -10.52 -3.50 12.70
CA GLY B 33 -10.65 -2.08 12.45
C GLY B 33 -10.85 -1.30 13.73
N THR B 34 -11.49 -1.89 14.73
CA THR B 34 -11.75 -1.19 15.97
C THR B 34 -10.53 -1.20 16.90
N THR B 35 -9.71 -2.24 16.86
CA THR B 35 -8.45 -2.19 17.62
C THR B 35 -7.50 -1.17 16.99
N ASP B 36 -7.51 -1.08 15.66
CA ASP B 36 -6.81 -0.01 14.97
C ASP B 36 -7.32 1.35 15.43
N GLU B 37 -8.65 1.53 15.44
CA GLU B 37 -9.25 2.77 15.92
C GLU B 37 -8.80 3.09 17.35
N LEU B 38 -8.75 2.07 18.23
CA LEU B 38 -8.35 2.29 19.61
C LEU B 38 -6.89 2.70 19.71
N SER B 39 -6.01 2.00 18.99
CA SER B 39 -4.59 2.37 18.99
C SER B 39 -4.41 3.80 18.50
N SER B 40 -5.15 4.19 17.46
CA SER B 40 -5.02 5.54 16.94
C SER B 40 -5.50 6.59 17.95
N ALA B 41 -6.63 6.33 18.63
CA ALA B 41 -7.08 7.23 19.68
C ALA B 41 -6.01 7.37 20.77
N ILE B 42 -5.38 6.25 21.15
CA ILE B 42 -4.32 6.27 22.14
C ILE B 42 -3.13 7.07 21.64
N GLY B 43 -2.83 6.97 20.33
CA GLY B 43 -1.79 7.79 19.75
C GLY B 43 -2.01 9.28 19.96
N PHE B 44 -3.27 9.72 19.81
CA PHE B 44 -3.57 11.12 20.05
C PHE B 44 -3.47 11.47 21.53
N ALA B 45 -4.02 10.61 22.40
CA ALA B 45 -3.87 10.85 23.84
C ALA B 45 -2.41 10.94 24.22
N LEU B 46 -1.59 10.04 23.67
CA LEU B 46 -0.16 10.03 23.97
C LEU B 46 0.48 11.37 23.63
N GLU B 47 0.03 12.02 22.56
CA GLU B 47 0.58 13.31 22.19
C GLU B 47 0.25 14.37 23.22
N LEU B 48 -0.89 14.26 23.90
CA LEU B 48 -1.23 15.22 24.93
C LEU B 48 -0.36 15.08 26.18
N VAL B 49 0.30 13.92 26.36
CA VAL B 49 1.02 13.69 27.60
C VAL B 49 2.26 14.57 27.69
N THR B 50 2.74 15.12 26.57
CA THR B 50 3.79 16.14 26.60
C THR B 50 3.23 17.51 26.99
N GLY B 53 -0.22 14.02 34.05
CA GLY B 53 1.11 13.49 34.29
C GLY B 53 1.95 13.42 33.02
N HIS B 54 3.16 12.82 33.09
CA HIS B 54 4.00 12.75 31.91
C HIS B 54 4.85 11.47 31.79
N THR B 55 5.01 10.72 32.88
CA THR B 55 5.95 9.60 32.85
C THR B 55 5.41 8.41 32.04
N PHE B 56 4.09 8.17 32.12
CA PHE B 56 3.43 6.97 31.62
C PHE B 56 3.19 6.99 30.11
N ALA B 57 3.82 7.89 29.35
CA ALA B 57 3.68 7.83 27.90
C ALA B 57 4.26 6.53 27.34
N GLU B 58 5.33 6.01 27.95
CA GLU B 58 5.91 4.75 27.50
C GLU B 58 4.96 3.59 27.70
N GLU B 59 4.11 3.65 28.72
CA GLU B 59 3.12 2.59 28.91
C GLU B 59 2.10 2.58 27.78
N LEU B 60 1.60 3.76 27.41
CA LEU B 60 0.68 3.87 26.28
C LEU B 60 1.33 3.37 24.99
N GLN B 61 2.60 3.72 24.76
CA GLN B 61 3.27 3.26 23.55
C GLN B 61 3.43 1.73 23.54
N LYS B 62 3.80 1.14 24.68
CA LYS B 62 3.85 -0.31 24.77
C LYS B 62 2.47 -0.92 24.50
N ILE B 63 1.43 -0.26 24.98
CA ILE B 63 0.08 -0.76 24.74
C ILE B 63 -0.23 -0.75 23.24
N GLN B 64 0.20 0.30 22.53
CA GLN B 64 0.03 0.31 21.08
C GLN B 64 0.72 -0.88 20.43
N CYS B 65 1.92 -1.22 20.90
CA CYS B 65 2.63 -2.40 20.40
C CYS B 65 1.81 -3.66 20.61
N THR B 66 1.25 -3.82 21.82
CA THR B 66 0.40 -4.98 22.08
C THR B 66 -0.83 -5.00 21.20
N LEU B 67 -1.40 -3.82 20.91
CA LEU B 67 -2.57 -3.76 20.05
C LEU B 67 -2.21 -4.13 18.61
N GLN B 68 -0.97 -3.90 18.20
CA GLN B 68 -0.52 -4.44 16.92
C GLN B 68 -0.54 -5.97 16.94
N ASP B 69 -0.08 -6.57 18.05
CA ASP B 69 -0.10 -8.03 18.17
C ASP B 69 -1.53 -8.56 18.26
N VAL B 70 -2.43 -7.83 18.94
CA VAL B 70 -3.85 -8.18 18.90
C VAL B 70 -4.34 -8.19 17.47
N GLY B 71 -3.95 -7.19 16.68
CA GLY B 71 -4.42 -7.10 15.31
C GLY B 71 -4.01 -8.29 14.46
N SER B 72 -2.78 -8.77 14.62
CA SER B 72 -2.34 -9.94 13.88
C SER B 72 -3.05 -11.20 14.36
N ALA B 73 -3.30 -11.29 15.67
CA ALA B 73 -3.98 -12.46 16.21
C ALA B 73 -5.42 -12.57 15.73
N LEU B 74 -6.08 -11.43 15.50
CA LEU B 74 -7.45 -11.48 14.98
C LEU B 74 -7.48 -11.80 13.50
N ALA B 75 -6.42 -11.46 12.78
CA ALA B 75 -6.28 -11.80 11.37
C ALA B 75 -5.41 -13.04 11.21
N THR B 76 -5.89 -14.16 11.76
CA THR B 76 -5.16 -15.43 11.79
C THR B 76 -4.65 -15.84 10.41
N TYR B 88 -6.65 -21.16 15.88
CA TYR B 88 -6.44 -19.72 16.06
C TYR B 88 -5.04 -19.40 16.63
N THR B 89 -4.64 -18.13 16.51
CA THR B 89 -3.36 -17.68 17.04
C THR B 89 -3.43 -17.58 18.57
N THR B 90 -2.42 -18.13 19.25
CA THR B 90 -2.36 -18.04 20.71
C THR B 90 -1.88 -16.66 21.14
N PHE B 91 -2.65 -16.02 22.03
CA PHE B 91 -2.30 -14.72 22.59
C PHE B 91 -2.00 -14.95 24.07
N LYS B 92 -0.72 -14.94 24.42
CA LYS B 92 -0.32 -15.26 25.78
C LYS B 92 -0.71 -14.14 26.74
N ALA B 93 -0.96 -14.51 28.00
CA ALA B 93 -1.50 -13.60 29.00
C ALA B 93 -0.44 -12.72 29.67
N GLY B 94 0.77 -12.65 29.12
CA GLY B 94 1.80 -11.78 29.64
C GLY B 94 1.40 -10.31 29.71
N PRO B 95 0.87 -9.77 28.60
CA PRO B 95 0.44 -8.36 28.65
C PRO B 95 -0.67 -8.09 29.65
N ILE B 96 -1.61 -9.02 29.81
CA ILE B 96 -2.66 -8.82 30.81
C ILE B 96 -2.06 -8.70 32.21
N LEU B 97 -1.05 -9.53 32.52
CA LEU B 97 -0.41 -9.46 33.83
C LEU B 97 0.34 -8.16 34.02
N GLU B 98 1.06 -7.72 32.99
CA GLU B 98 1.77 -6.44 33.04
C GLU B 98 0.79 -5.29 33.26
N LEU B 99 -0.38 -5.33 32.60
CA LEU B 99 -1.40 -4.33 32.84
C LEU B 99 -1.88 -4.35 34.29
N GLU B 100 -2.10 -5.55 34.84
CA GLU B 100 -2.60 -5.63 36.21
C GLU B 100 -1.58 -5.07 37.21
N GLN B 101 -0.29 -5.26 36.95
CA GLN B 101 0.72 -4.61 37.79
C GLN B 101 0.63 -3.09 37.68
N TRP B 102 0.54 -2.55 36.46
CA TRP B 102 0.42 -1.11 36.29
C TRP B 102 -0.83 -0.58 36.98
N ILE B 103 -1.94 -1.30 36.84
CA ILE B 103 -3.18 -0.89 37.51
C ILE B 103 -2.98 -0.83 39.02
N ASP B 104 -2.29 -1.82 39.60
CA ASP B 104 -2.08 -1.80 41.05
C ASP B 104 -1.22 -0.61 41.45
N LYS B 105 -0.16 -0.33 40.68
CA LYS B 105 0.67 0.84 40.96
C LYS B 105 -0.18 2.11 41.11
N TYR B 106 -0.99 2.43 40.09
CA TYR B 106 -1.78 3.67 40.13
C TYR B 106 -2.94 3.58 41.11
N THR B 107 -3.64 2.44 41.15
CA THR B 107 -4.78 2.33 42.05
C THR B 107 -4.36 2.59 43.50
N SER B 108 -3.17 2.11 43.90
CA SER B 108 -2.73 2.30 45.28
C SER B 108 -2.50 3.76 45.65
N GLN B 109 -2.52 4.69 44.69
CA GLN B 109 -2.30 6.09 45.00
C GLN B 109 -3.59 6.90 45.01
N LEU B 110 -4.73 6.30 44.60
CA LEU B 110 -6.00 6.96 44.33
C LEU B 110 -6.92 6.95 45.54
N PRO B 111 -7.80 7.94 45.65
CA PRO B 111 -8.81 7.92 46.70
C PRO B 111 -9.83 6.83 46.44
N PRO B 112 -10.52 6.34 47.48
CA PRO B 112 -11.58 5.35 47.24
C PRO B 112 -12.68 5.98 46.38
N LEU B 113 -13.37 5.13 45.62
CA LEU B 113 -14.45 5.58 44.76
C LEU B 113 -15.56 4.53 44.77
N THR B 114 -16.76 4.93 45.17
CA THR B 114 -17.91 4.03 45.19
C THR B 114 -19.07 4.61 44.39
N ALA B 115 -18.75 5.37 43.33
CA ALA B 115 -19.76 6.03 42.52
C ALA B 115 -19.20 6.29 41.13
N PHE B 116 -20.09 6.47 40.16
CA PHE B 116 -19.67 6.88 38.81
C PHE B 116 -19.08 8.27 38.85
N ILE B 117 -18.09 8.51 38.00
CA ILE B 117 -17.54 9.85 37.82
C ILE B 117 -17.97 10.39 36.45
N LEU B 118 -17.99 11.71 36.32
CA LEU B 118 -18.16 12.29 34.99
C LEU B 118 -16.84 12.21 34.24
N PRO B 119 -16.81 11.71 33.00
CA PRO B 119 -15.53 11.58 32.30
C PRO B 119 -14.82 12.92 32.15
N GLY B 121 -11.59 14.89 33.58
CA GLY B 121 -10.84 15.66 34.59
C GLY B 121 -9.52 16.28 34.14
N GLY B 122 -9.59 17.10 33.09
CA GLY B 122 -8.40 17.59 32.43
C GLY B 122 -8.27 17.01 31.04
N LYS B 123 -7.42 17.64 30.23
CA LYS B 123 -7.34 17.25 28.83
C LYS B 123 -6.86 15.80 28.69
N ILE B 124 -5.77 15.46 29.37
CA ILE B 124 -5.24 14.10 29.25
C ILE B 124 -6.22 13.10 29.84
N SER B 125 -6.79 13.41 31.01
CA SER B 125 -7.75 12.49 31.62
C SER B 125 -8.96 12.27 30.71
N SER B 126 -9.56 13.35 30.20
CA SER B 126 -10.76 13.18 29.39
C SER B 126 -10.45 12.42 28.09
N ALA B 127 -9.28 12.68 27.48
CA ALA B 127 -8.89 11.91 26.31
C ALA B 127 -8.73 10.44 26.65
N LEU B 128 -8.16 10.13 27.83
CA LEU B 128 -8.02 8.73 28.24
C LEU B 128 -9.39 8.08 28.44
N HIS B 129 -10.38 8.83 28.95
CA HIS B 129 -11.71 8.28 29.09
C HIS B 129 -12.35 8.01 27.72
N PHE B 130 -12.05 8.84 26.71
CA PHE B 130 -12.53 8.52 25.36
C PHE B 130 -11.89 7.23 24.84
N CYS B 131 -10.56 7.06 25.00
CA CYS B 131 -9.89 5.79 24.66
C CYS B 131 -10.49 4.61 25.40
N ARG B 132 -10.86 4.83 26.66
CA ARG B 132 -11.43 3.76 27.47
C ARG B 132 -12.74 3.28 26.87
N ALA B 133 -13.60 4.22 26.48
CA ALA B 133 -14.86 3.86 25.85
C ALA B 133 -14.65 3.17 24.49
N VAL B 134 -13.71 3.67 23.69
CA VAL B 134 -13.39 3.02 22.40
C VAL B 134 -12.85 1.62 22.64
N CYS B 135 -12.02 1.45 23.67
CA CYS B 135 -11.46 0.14 23.99
C CYS B 135 -12.56 -0.86 24.36
N ARG B 136 -13.58 -0.39 25.08
CA ARG B 136 -14.71 -1.26 25.42
C ARG B 136 -15.53 -1.60 24.19
N ARG B 137 -15.64 -0.67 23.22
CA ARG B 137 -16.27 -1.02 21.95
C ARG B 137 -15.44 -2.05 21.20
N ALA B 138 -14.11 -1.88 21.18
CA ALA B 138 -13.24 -2.90 20.59
C ALA B 138 -13.46 -4.27 21.23
N LYS B 139 -13.64 -4.31 22.55
CA LYS B 139 -13.85 -5.61 23.22
C LYS B 139 -15.16 -6.26 22.76
N ARG B 140 -16.25 -5.49 22.65
CA ARG B 140 -17.51 -6.06 22.19
C ARG B 140 -17.37 -6.66 20.80
N ARG B 141 -16.52 -6.05 19.95
CA ARG B 141 -16.34 -6.57 18.60
C ARG B 141 -15.54 -7.87 18.58
N VAL B 142 -14.72 -8.11 19.60
CA VAL B 142 -13.92 -9.33 19.67
C VAL B 142 -14.72 -10.51 20.23
N VAL B 143 -15.77 -10.23 21.00
CA VAL B 143 -16.51 -11.30 21.66
C VAL B 143 -17.03 -12.36 20.68
N PRO B 144 -17.73 -12.01 19.60
CA PRO B 144 -18.22 -13.07 18.69
C PRO B 144 -17.10 -13.94 18.13
N LEU B 145 -15.90 -13.38 17.92
CA LEU B 145 -14.79 -14.18 17.42
C LEU B 145 -14.24 -15.12 18.49
N VAL B 146 -14.33 -14.74 19.76
CA VAL B 146 -13.95 -15.67 20.81
C VAL B 146 -15.02 -16.75 20.96
N GLN B 147 -16.30 -16.36 20.86
CA GLN B 147 -17.40 -17.30 20.96
C GLN B 147 -17.31 -18.40 19.92
N MET B 148 -16.96 -18.06 18.67
CA MET B 148 -16.81 -19.03 17.59
C MET B 148 -15.40 -19.61 17.51
N GLY B 149 -14.62 -19.54 18.58
CA GLY B 149 -13.30 -20.14 18.60
C GLY B 149 -12.29 -19.62 17.61
N GLU B 150 -12.59 -18.50 16.93
CA GLU B 150 -11.66 -17.94 15.95
C GLU B 150 -10.55 -17.11 16.58
N THR B 151 -10.71 -16.69 17.85
CA THR B 151 -9.72 -15.86 18.52
C THR B 151 -9.53 -16.33 19.95
N ASP B 152 -8.29 -16.26 20.42
CA ASP B 152 -7.97 -16.61 21.80
C ASP B 152 -8.73 -15.71 22.77
N ALA B 153 -9.32 -16.34 23.81
CA ALA B 153 -10.09 -15.58 24.78
C ALA B 153 -9.21 -14.61 25.58
N ASN B 154 -7.90 -14.80 25.56
CA ASN B 154 -7.02 -13.83 26.20
C ASN B 154 -7.10 -12.47 25.52
N VAL B 155 -7.42 -12.43 24.22
CA VAL B 155 -7.57 -11.17 23.51
C VAL B 155 -8.66 -10.33 24.16
N ALA B 156 -9.84 -10.93 24.41
CA ALA B 156 -10.93 -10.19 25.02
C ALA B 156 -10.61 -9.81 26.46
N LYS B 157 -9.83 -10.64 27.15
CA LYS B 157 -9.49 -10.32 28.53
C LYS B 157 -8.50 -9.18 28.59
N PHE B 158 -7.51 -9.18 27.69
CA PHE B 158 -6.58 -8.05 27.59
C PHE B 158 -7.33 -6.74 27.40
N LEU B 159 -8.30 -6.72 26.47
CA LEU B 159 -9.01 -5.48 26.17
C LEU B 159 -9.87 -5.05 27.35
N ASN B 160 -10.50 -6.02 28.03
CA ASN B 160 -11.27 -5.69 29.22
C ASN B 160 -10.37 -5.08 30.30
N ARG B 161 -9.19 -5.66 30.52
CA ARG B 161 -8.28 -5.07 31.48
C ARG B 161 -7.69 -3.77 30.98
N LEU B 162 -7.50 -3.62 29.67
CA LEU B 162 -7.01 -2.34 29.18
C LEU B 162 -7.98 -1.22 29.54
N SER B 163 -9.30 -1.49 29.48
CA SER B 163 -10.22 -0.42 29.84
C SER B 163 -10.19 -0.12 31.33
N ASP B 164 -9.89 -1.12 32.17
CA ASP B 164 -9.65 -0.81 33.58
C ASP B 164 -8.40 0.05 33.74
N TYR B 165 -7.32 -0.31 33.03
CA TYR B 165 -6.10 0.50 33.05
C TYR B 165 -6.38 1.95 32.63
N LEU B 166 -7.05 2.14 31.50
CA LEU B 166 -7.32 3.50 31.02
C LEU B 166 -8.15 4.28 32.02
N PHE B 167 -9.15 3.63 32.64
CA PHE B 167 -9.96 4.28 33.66
C PHE B 167 -9.11 4.73 34.85
N THR B 168 -8.24 3.84 35.34
CA THR B 168 -7.37 4.15 36.47
C THR B 168 -6.36 5.23 36.10
N LEU B 169 -5.81 5.16 34.89
CA LEU B 169 -4.81 6.16 34.50
C LEU B 169 -5.43 7.54 34.36
N ALA B 170 -6.66 7.63 33.85
CA ALA B 170 -7.33 8.94 33.78
C ALA B 170 -7.52 9.52 35.18
N ARG B 171 -8.02 8.72 36.12
CA ARG B 171 -8.17 9.18 37.50
C ARG B 171 -6.83 9.64 38.07
N TYR B 172 -5.76 8.90 37.78
CA TYR B 172 -4.44 9.26 38.27
C TYR B 172 -3.97 10.58 37.65
N ALA B 173 -4.07 10.72 36.33
CA ALA B 173 -3.66 11.96 35.69
C ALA B 173 -4.46 13.14 36.23
N ALA B 174 -5.77 12.99 36.40
CA ALA B 174 -6.56 14.06 37.00
C ALA B 174 -6.06 14.40 38.41
N MET B 175 -5.78 13.38 39.23
CA MET B 175 -5.28 13.63 40.58
C MET B 175 -3.94 14.36 40.55
N LYS B 176 -3.00 13.86 39.73
CA LYS B 176 -1.70 14.51 39.63
C LYS B 176 -1.81 15.94 39.12
N GLU B 177 -2.87 16.26 38.37
CA GLU B 177 -3.02 17.64 37.90
C GLU B 177 -3.79 18.52 38.88
N GLY B 178 -4.37 17.95 39.93
CA GLY B 178 -5.11 18.73 40.89
C GLY B 178 -6.59 18.90 40.61
N ASN B 179 -7.12 18.19 39.62
CA ASN B 179 -8.52 18.33 39.25
C ASN B 179 -9.38 17.37 40.05
N GLN B 180 -10.41 17.90 40.70
CA GLN B 180 -11.25 17.09 41.57
C GLN B 180 -12.21 16.24 40.75
N GLU B 181 -12.42 15.01 41.19
CA GLU B 181 -13.39 14.14 40.54
C GLU B 181 -14.79 14.69 40.74
N LYS B 182 -15.52 14.82 39.65
CA LYS B 182 -16.92 15.19 39.70
C LYS B 182 -17.76 13.91 39.82
N ILE B 183 -18.61 13.88 40.83
CA ILE B 183 -19.47 12.74 41.12
C ILE B 183 -20.88 13.26 41.15
N TYR B 184 -21.70 12.77 40.22
CA TYR B 184 -23.09 13.16 40.12
C TYR B 184 -23.96 12.15 40.87
N MET B 185 -24.95 12.65 41.61
CA MET B 185 -25.90 11.76 42.29
C MET B 185 -27.30 12.37 42.27
N ASP C 25 3.28 -20.43 -37.85
CA ASP C 25 4.64 -20.10 -37.43
C ASP C 25 5.18 -21.08 -36.38
N ASP C 26 6.44 -21.49 -36.58
CA ASP C 26 7.08 -22.37 -35.61
C ASP C 26 7.20 -21.70 -34.25
N GLN C 27 7.30 -20.38 -34.21
CA GLN C 27 7.35 -19.67 -32.94
C GLN C 27 6.04 -19.83 -32.17
N VAL C 28 4.91 -19.86 -32.88
CA VAL C 28 3.62 -20.04 -32.22
C VAL C 28 3.49 -21.46 -31.68
N PHE C 29 3.87 -22.48 -32.48
CA PHE C 29 3.84 -23.86 -32.00
C PHE C 29 4.70 -24.04 -30.76
N GLU C 30 5.89 -23.42 -30.75
CA GLU C 30 6.78 -23.48 -29.60
C GLU C 30 6.16 -22.83 -28.38
N ALA C 31 5.48 -21.69 -28.57
CA ALA C 31 4.86 -20.98 -27.46
C ALA C 31 3.71 -21.80 -26.84
N VAL C 32 2.73 -22.21 -27.65
CA VAL C 32 1.61 -22.99 -27.08
C VAL C 32 2.07 -24.37 -26.61
N GLY C 33 3.07 -24.95 -27.28
CA GLY C 33 3.60 -26.21 -26.83
C GLY C 33 4.19 -26.12 -25.42
N THR C 34 4.85 -25.00 -25.12
CA THR C 34 5.46 -24.84 -23.79
C THR C 34 4.44 -24.44 -22.73
N THR C 35 3.40 -23.66 -23.08
CA THR C 35 2.36 -23.43 -22.10
C THR C 35 1.56 -24.71 -21.83
N ASP C 36 1.45 -25.59 -22.84
CA ASP C 36 0.91 -26.94 -22.64
C ASP C 36 1.81 -27.75 -21.69
N GLU C 37 3.13 -27.73 -21.94
CA GLU C 37 4.07 -28.36 -21.02
C GLU C 37 3.93 -27.82 -19.60
N LEU C 38 3.74 -26.52 -19.45
CA LEU C 38 3.56 -25.93 -18.12
C LEU C 38 2.27 -26.43 -17.47
N SER C 39 1.14 -26.32 -18.17
CA SER C 39 -0.12 -26.78 -17.59
C SER C 39 -0.04 -28.25 -17.19
N SER C 40 0.64 -29.07 -17.98
CA SER C 40 0.78 -30.49 -17.64
C SER C 40 1.69 -30.68 -16.43
N ALA C 41 2.76 -29.89 -16.31
CA ALA C 41 3.58 -29.97 -15.09
C ALA C 41 2.77 -29.57 -13.87
N ILE C 42 1.94 -28.54 -13.99
CA ILE C 42 1.11 -28.12 -12.86
C ILE C 42 0.08 -29.19 -12.52
N GLY C 43 -0.46 -29.87 -13.54
CA GLY C 43 -1.38 -30.98 -13.29
C GLY C 43 -0.76 -32.04 -12.40
N PHE C 44 0.47 -32.47 -12.71
CA PHE C 44 1.16 -33.43 -11.85
C PHE C 44 1.36 -32.87 -10.44
N ALA C 45 1.88 -31.65 -10.33
CA ALA C 45 2.04 -31.02 -9.01
C ALA C 45 0.70 -30.98 -8.27
N LEU C 46 -0.38 -30.69 -8.99
CA LEU C 46 -1.72 -30.70 -8.42
C LEU C 46 -2.06 -32.04 -7.79
N GLU C 47 -1.60 -33.14 -8.41
CA GLU C 47 -1.88 -34.46 -7.84
C GLU C 47 -1.13 -34.70 -6.54
N LEU C 48 0.08 -34.15 -6.41
CA LEU C 48 0.79 -34.26 -5.14
C LEU C 48 0.11 -33.40 -4.08
N VAL C 49 -0.43 -32.26 -4.49
CA VAL C 49 -1.09 -31.35 -3.55
C VAL C 49 -2.30 -32.04 -2.93
N THR C 50 -3.21 -32.52 -3.77
CA THR C 50 -4.43 -33.18 -3.30
C THR C 50 -4.12 -34.50 -2.58
N GLU C 51 -3.03 -35.17 -2.93
CA GLU C 51 -2.64 -36.38 -2.20
C GLU C 51 -2.35 -36.06 -0.73
N LYS C 52 -1.72 -34.92 -0.46
CA LYS C 52 -1.70 -34.38 0.89
C LYS C 52 -2.98 -33.57 1.13
N GLY C 53 -3.15 -33.05 2.33
CA GLY C 53 -4.37 -32.31 2.61
C GLY C 53 -4.22 -30.81 2.47
N HIS C 54 -4.03 -30.32 1.24
CA HIS C 54 -3.66 -28.93 1.00
C HIS C 54 -4.75 -28.20 0.24
N THR C 55 -5.05 -26.98 0.67
CA THR C 55 -6.24 -26.27 0.23
C THR C 55 -6.08 -25.69 -1.17
N PHE C 56 -4.86 -25.31 -1.54
CA PHE C 56 -4.63 -24.49 -2.72
C PHE C 56 -4.62 -25.30 -4.02
N ALA C 57 -5.12 -26.53 -4.01
CA ALA C 57 -5.33 -27.25 -5.26
C ALA C 57 -6.25 -26.46 -6.20
N GLU C 58 -7.26 -25.80 -5.64
CA GLU C 58 -8.20 -25.04 -6.46
C GLU C 58 -7.49 -23.93 -7.21
N GLU C 59 -6.51 -23.28 -6.57
CA GLU C 59 -5.76 -22.19 -7.21
C GLU C 59 -4.99 -22.69 -8.43
N LEU C 60 -4.27 -23.81 -8.28
CA LEU C 60 -3.53 -24.38 -9.40
C LEU C 60 -4.48 -24.81 -10.52
N GLN C 61 -5.66 -25.32 -10.17
CA GLN C 61 -6.63 -25.70 -11.20
C GLN C 61 -7.14 -24.48 -11.96
N LYS C 62 -7.42 -23.38 -11.24
CA LYS C 62 -7.81 -22.15 -11.93
C LYS C 62 -6.71 -21.66 -12.85
N ILE C 63 -5.45 -21.84 -12.44
CA ILE C 63 -4.34 -21.42 -13.30
C ILE C 63 -4.31 -22.25 -14.58
N GLN C 64 -4.56 -23.55 -14.47
CA GLN C 64 -4.66 -24.39 -15.66
C GLN C 64 -5.73 -23.86 -16.61
N CYS C 65 -6.83 -23.35 -16.07
CA CYS C 65 -7.86 -22.74 -16.90
C CYS C 65 -7.32 -21.52 -17.63
N THR C 66 -6.64 -20.64 -16.91
CA THR C 66 -6.09 -19.44 -17.56
C THR C 66 -5.07 -19.83 -18.61
N LEU C 67 -4.27 -20.87 -18.34
CA LEU C 67 -3.29 -21.32 -19.32
C LEU C 67 -3.97 -21.81 -20.60
N GLN C 68 -5.19 -22.33 -20.47
CA GLN C 68 -5.92 -22.71 -21.67
C GLN C 68 -6.28 -21.47 -22.47
N ASP C 69 -6.78 -20.42 -21.79
CA ASP C 69 -7.01 -19.13 -22.43
C ASP C 69 -5.73 -18.55 -23.02
N VAL C 70 -4.61 -18.70 -22.32
CA VAL C 70 -3.33 -18.24 -22.87
C VAL C 70 -3.04 -18.94 -24.19
N GLY C 71 -3.22 -20.26 -24.22
CA GLY C 71 -2.93 -20.98 -25.45
C GLY C 71 -3.80 -20.51 -26.61
N SER C 72 -5.08 -20.26 -26.33
CA SER C 72 -5.97 -19.74 -27.36
C SER C 72 -5.47 -18.38 -27.87
N ALA C 73 -5.13 -17.48 -26.94
CA ALA C 73 -4.65 -16.15 -27.32
C ALA C 73 -3.38 -16.25 -28.16
N LEU C 74 -2.49 -17.18 -27.82
CA LEU C 74 -1.26 -17.35 -28.59
C LEU C 74 -1.53 -17.84 -30.01
N ALA C 75 -2.52 -18.70 -30.18
CA ALA C 75 -2.81 -19.26 -31.49
C ALA C 75 -3.87 -18.47 -32.25
N THR C 76 -4.40 -17.40 -31.65
CA THR C 76 -5.48 -16.54 -32.18
C THR C 76 -6.44 -17.25 -33.12
N LYS C 87 -3.06 -7.29 -35.37
CA LYS C 87 -4.17 -7.92 -34.67
C LYS C 87 -3.65 -8.98 -33.70
N TYR C 88 -4.30 -9.07 -32.54
CA TYR C 88 -3.98 -10.10 -31.55
C TYR C 88 -5.16 -10.22 -30.61
N THR C 89 -5.31 -11.42 -30.02
CA THR C 89 -6.43 -11.64 -29.12
C THR C 89 -6.18 -10.92 -27.80
N THR C 90 -7.15 -10.11 -27.38
CA THR C 90 -7.04 -9.39 -26.12
C THR C 90 -7.01 -10.38 -24.96
N PHE C 91 -6.04 -10.20 -24.06
CA PHE C 91 -5.93 -10.99 -22.85
C PHE C 91 -6.06 -10.01 -21.68
N LYS C 92 -7.13 -10.15 -20.90
CA LYS C 92 -7.43 -9.20 -19.83
C LYS C 92 -6.50 -9.42 -18.64
N ALA C 93 -6.36 -8.37 -17.83
CA ALA C 93 -5.38 -8.34 -16.75
C ALA C 93 -5.91 -8.91 -15.44
N GLY C 94 -7.19 -9.25 -15.36
CA GLY C 94 -7.77 -9.86 -14.20
C GLY C 94 -6.96 -11.00 -13.58
N PRO C 95 -6.57 -11.98 -14.39
CA PRO C 95 -5.76 -13.09 -13.85
C PRO C 95 -4.45 -12.63 -13.22
N ILE C 96 -3.82 -11.58 -13.76
CA ILE C 96 -2.57 -11.09 -13.19
C ILE C 96 -2.82 -10.54 -11.78
N LEU C 97 -3.95 -9.85 -11.60
CA LEU C 97 -4.27 -9.26 -10.30
C LEU C 97 -4.71 -10.31 -9.29
N GLU C 98 -5.41 -11.35 -9.75
CA GLU C 98 -5.75 -12.43 -8.83
C GLU C 98 -4.51 -13.12 -8.30
N LEU C 99 -3.53 -13.39 -9.19
CA LEU C 99 -2.26 -13.95 -8.74
C LEU C 99 -1.63 -13.07 -7.67
N GLU C 100 -1.66 -11.75 -7.88
CA GLU C 100 -1.08 -10.82 -6.91
C GLU C 100 -1.82 -10.87 -5.58
N GLN C 101 -3.16 -10.94 -5.61
CA GLN C 101 -3.87 -11.12 -4.35
C GLN C 101 -3.43 -12.40 -3.63
N TRP C 102 -3.27 -13.50 -4.38
CA TRP C 102 -2.82 -14.75 -3.77
C TRP C 102 -1.38 -14.65 -3.29
N ILE C 103 -0.50 -14.04 -4.09
CA ILE C 103 0.89 -13.91 -3.68
C ILE C 103 0.98 -13.19 -2.34
N ASP C 104 0.17 -12.14 -2.18
CA ASP C 104 0.21 -11.36 -0.94
C ASP C 104 -0.33 -12.15 0.24
N LYS C 105 -1.25 -13.07 -0.01
CA LYS C 105 -1.79 -13.87 1.08
C LYS C 105 -0.71 -14.76 1.70
N TYR C 106 0.16 -15.34 0.87
CA TYR C 106 1.18 -16.26 1.36
C TYR C 106 2.38 -15.52 1.96
N THR C 107 2.77 -14.38 1.36
CA THR C 107 3.95 -13.67 1.87
C THR C 107 3.75 -13.18 3.29
N SER C 108 2.51 -12.86 3.68
CA SER C 108 2.21 -12.48 5.06
C SER C 108 2.37 -13.63 6.04
N GLN C 109 2.55 -14.86 5.55
CA GLN C 109 2.79 -16.00 6.43
C GLN C 109 4.22 -16.52 6.34
N LEU C 110 5.04 -15.92 5.48
CA LEU C 110 6.37 -16.41 5.21
C LEU C 110 7.42 -15.51 5.83
N PRO C 111 8.54 -16.07 6.26
CA PRO C 111 9.62 -15.25 6.81
C PRO C 111 10.25 -14.41 5.71
N PRO C 112 11.00 -13.38 6.07
CA PRO C 112 11.70 -12.59 5.05
C PRO C 112 12.85 -13.39 4.45
N LEU C 113 13.11 -13.12 3.17
CA LEU C 113 14.11 -13.86 2.42
C LEU C 113 14.83 -12.85 1.55
N THR C 114 16.16 -12.84 1.61
CA THR C 114 16.97 -11.92 0.81
C THR C 114 18.08 -12.66 0.10
N ALA C 115 17.88 -13.95 -0.19
CA ALA C 115 18.92 -14.79 -0.76
C ALA C 115 18.26 -15.89 -1.57
N PHE C 116 19.03 -16.50 -2.48
CA PHE C 116 18.53 -17.66 -3.22
C PHE C 116 18.37 -18.84 -2.29
N ILE C 117 17.35 -19.65 -2.55
CA ILE C 117 17.14 -20.90 -1.83
C ILE C 117 17.49 -22.04 -2.78
N LEU C 118 17.83 -23.17 -2.20
CA LEU C 118 17.95 -24.38 -3.01
C LEU C 118 16.55 -24.89 -3.35
N PRO C 119 16.26 -25.18 -4.63
CA PRO C 119 14.91 -25.64 -4.97
C PRO C 119 14.64 -27.00 -4.36
N SER C 120 14.04 -27.03 -3.18
CA SER C 120 13.75 -28.28 -2.50
C SER C 120 12.54 -28.08 -1.61
N GLY C 121 12.59 -28.60 -0.38
CA GLY C 121 11.56 -28.34 0.60
C GLY C 121 10.40 -29.31 0.64
N GLY C 122 10.54 -30.50 0.07
CA GLY C 122 9.46 -31.47 -0.01
C GLY C 122 9.04 -31.74 -1.45
N LYS C 123 8.21 -32.77 -1.60
CA LYS C 123 7.81 -33.17 -2.95
C LYS C 123 6.93 -32.12 -3.61
N ILE C 124 5.96 -31.59 -2.88
CA ILE C 124 5.10 -30.55 -3.44
C ILE C 124 5.91 -29.29 -3.73
N SER C 125 6.77 -28.89 -2.78
CA SER C 125 7.56 -27.68 -2.97
C SER C 125 8.50 -27.84 -4.17
N SER C 126 9.18 -28.97 -4.28
CA SER C 126 10.15 -29.11 -5.37
C SER C 126 9.44 -29.27 -6.71
N ALA C 127 8.28 -29.94 -6.73
CA ALA C 127 7.49 -29.98 -7.96
C ALA C 127 7.09 -28.58 -8.39
N LEU C 128 6.65 -27.75 -7.44
CA LEU C 128 6.26 -26.39 -7.77
C LEU C 128 7.45 -25.59 -8.29
N HIS C 129 8.64 -25.82 -7.72
CA HIS C 129 9.84 -25.14 -8.24
C HIS C 129 10.16 -25.61 -9.66
N PHE C 130 9.90 -26.89 -9.96
CA PHE C 130 10.03 -27.33 -11.34
C PHE C 130 9.01 -26.64 -12.24
N CYS C 131 7.75 -26.56 -11.80
CA CYS C 131 6.74 -25.79 -12.54
C CYS C 131 7.14 -24.35 -12.74
N ARG C 132 7.79 -23.78 -11.73
CA ARG C 132 8.27 -22.41 -11.79
C ARG C 132 9.25 -22.24 -12.94
N ALA C 133 10.20 -23.18 -13.04
CA ALA C 133 11.21 -23.07 -14.07
C ALA C 133 10.63 -23.29 -15.47
N VAL C 134 9.70 -24.25 -15.59
CA VAL C 134 9.05 -24.45 -16.89
C VAL C 134 8.23 -23.21 -17.27
N CYS C 135 7.60 -22.58 -16.28
CA CYS C 135 6.81 -21.39 -16.54
C CYS C 135 7.67 -20.27 -17.10
N ARG C 136 8.90 -20.13 -16.57
CA ARG C 136 9.79 -19.08 -17.05
C ARG C 136 10.30 -19.41 -18.44
N ARG C 137 10.45 -20.70 -18.74
CA ARG C 137 10.76 -21.09 -20.11
C ARG C 137 9.58 -20.82 -21.05
N ALA C 138 8.35 -21.05 -20.57
CA ALA C 138 7.17 -20.65 -21.36
C ALA C 138 7.16 -19.14 -21.64
N LYS C 139 7.51 -18.34 -20.63
CA LYS C 139 7.56 -16.90 -20.82
C LYS C 139 8.55 -16.54 -21.93
N ARG C 140 9.72 -17.18 -21.94
CA ARG C 140 10.73 -16.85 -22.94
C ARG C 140 10.25 -17.16 -24.34
N ARG C 141 9.42 -18.21 -24.52
CA ARG C 141 8.90 -18.53 -25.85
C ARG C 141 7.80 -17.57 -26.29
N VAL C 142 7.15 -16.89 -25.35
CA VAL C 142 6.09 -15.95 -25.69
C VAL C 142 6.67 -14.59 -26.08
N VAL C 143 7.89 -14.30 -25.66
CA VAL C 143 8.46 -12.96 -25.84
C VAL C 143 8.54 -12.55 -27.31
N PRO C 144 9.07 -13.36 -28.23
CA PRO C 144 9.08 -12.93 -29.64
C PRO C 144 7.69 -12.63 -30.18
N LEU C 145 6.67 -13.36 -29.74
CA LEU C 145 5.32 -13.12 -30.24
C LEU C 145 4.78 -11.79 -29.76
N VAL C 146 5.04 -11.42 -28.50
CA VAL C 146 4.61 -10.12 -28.00
C VAL C 146 5.29 -9.01 -28.80
N GLN C 147 6.58 -9.18 -29.09
CA GLN C 147 7.36 -8.11 -29.68
C GLN C 147 7.00 -7.87 -31.15
N MET C 148 6.61 -8.90 -31.88
CA MET C 148 6.09 -8.72 -33.22
C MET C 148 4.57 -8.51 -33.23
N GLY C 149 4.01 -8.11 -32.09
CA GLY C 149 2.63 -7.69 -31.99
C GLY C 149 1.57 -8.77 -32.14
N GLU C 150 1.96 -10.04 -32.28
CA GLU C 150 0.95 -11.09 -32.47
C GLU C 150 0.26 -11.51 -31.17
N THR C 151 0.83 -11.19 -30.02
CA THR C 151 0.23 -11.59 -28.75
C THR C 151 0.13 -10.40 -27.81
N ASP C 152 -0.97 -10.34 -27.07
CA ASP C 152 -1.15 -9.35 -26.01
C ASP C 152 0.02 -9.40 -25.03
N ALA C 153 0.56 -8.23 -24.71
CA ALA C 153 1.63 -8.17 -23.72
C ALA C 153 1.20 -8.69 -22.37
N ASN C 154 -0.10 -8.70 -22.08
CA ASN C 154 -0.59 -9.20 -20.80
C ASN C 154 -0.31 -10.69 -20.64
N VAL C 155 -0.17 -11.42 -21.75
CA VAL C 155 0.16 -12.85 -21.67
C VAL C 155 1.55 -13.03 -21.07
N ALA C 156 2.52 -12.24 -21.52
CA ALA C 156 3.86 -12.35 -20.96
C ALA C 156 3.89 -11.92 -19.49
N LYS C 157 3.10 -10.90 -19.13
CA LYS C 157 3.12 -10.45 -17.75
C LYS C 157 2.45 -11.46 -16.83
N PHE C 158 1.37 -12.10 -17.29
CA PHE C 158 0.75 -13.16 -16.50
C PHE C 158 1.74 -14.28 -16.22
N LEU C 159 2.47 -14.73 -17.25
CA LEU C 159 3.46 -15.78 -17.05
C LEU C 159 4.55 -15.34 -16.09
N ASN C 160 5.01 -14.08 -16.21
CA ASN C 160 5.96 -13.49 -15.26
C ASN C 160 5.46 -13.63 -13.83
N ARG C 161 4.26 -13.10 -13.57
CA ARG C 161 3.69 -13.12 -12.24
C ARG C 161 3.39 -14.55 -11.79
N LEU C 162 3.08 -15.45 -12.71
CA LEU C 162 2.83 -16.83 -12.33
C LEU C 162 4.10 -17.47 -11.81
N SER C 163 5.26 -17.08 -12.33
CA SER C 163 6.49 -17.67 -11.82
C SER C 163 6.83 -17.11 -10.44
N ASP C 164 6.42 -15.86 -10.16
CA ASP C 164 6.49 -15.35 -8.80
C ASP C 164 5.53 -16.09 -7.88
N TYR C 165 4.32 -16.38 -8.35
CA TYR C 165 3.35 -17.11 -7.54
C TYR C 165 3.87 -18.50 -7.20
N LEU C 166 4.35 -19.23 -8.20
CA LEU C 166 4.83 -20.59 -7.96
C LEU C 166 6.02 -20.59 -6.99
N PHE C 167 6.90 -19.59 -7.07
CA PHE C 167 7.99 -19.47 -6.10
C PHE C 167 7.45 -19.33 -4.68
N THR C 168 6.49 -18.43 -4.50
CA THR C 168 5.94 -18.19 -3.18
C THR C 168 5.14 -19.39 -2.68
N LEU C 169 4.37 -20.02 -3.56
CA LEU C 169 3.59 -21.20 -3.15
C LEU C 169 4.50 -22.33 -2.73
N ALA C 170 5.61 -22.54 -3.45
CA ALA C 170 6.54 -23.59 -3.04
C ALA C 170 7.11 -23.33 -1.65
N ARG C 171 7.43 -22.06 -1.35
CA ARG C 171 7.92 -21.71 -0.01
C ARG C 171 6.84 -21.94 1.05
N TYR C 172 5.60 -21.59 0.73
CA TYR C 172 4.48 -21.79 1.65
C TYR C 172 4.25 -23.28 1.92
N ALA C 173 4.20 -24.09 0.84
CA ALA C 173 4.06 -25.53 1.01
C ALA C 173 5.19 -26.10 1.85
N ALA C 174 6.43 -25.72 1.54
CA ALA C 174 7.58 -26.23 2.28
C ALA C 174 7.48 -25.86 3.75
N MET C 175 6.98 -24.66 4.04
CA MET C 175 6.86 -24.21 5.42
C MET C 175 5.75 -24.95 6.15
N LYS C 176 4.58 -25.06 5.52
CA LYS C 176 3.47 -25.75 6.17
C LYS C 176 3.81 -27.22 6.44
N GLU C 177 4.77 -27.79 5.74
CA GLU C 177 5.20 -29.15 5.97
C GLU C 177 6.33 -29.25 6.97
N GLY C 178 6.71 -28.15 7.61
CA GLY C 178 7.79 -28.17 8.58
C GLY C 178 9.17 -28.36 8.00
N ASN C 179 9.35 -28.08 6.71
CA ASN C 179 10.62 -28.28 6.02
C ASN C 179 11.42 -26.98 6.00
N GLN C 180 12.69 -27.05 6.37
CA GLN C 180 13.51 -25.84 6.48
C GLN C 180 13.88 -25.32 5.09
N GLU C 181 13.85 -24.00 4.97
CA GLU C 181 14.39 -23.32 3.79
C GLU C 181 15.91 -23.43 3.77
N LYS C 182 16.47 -23.92 2.68
CA LYS C 182 17.91 -24.12 2.58
C LYS C 182 18.53 -22.98 1.76
N ILE C 183 19.46 -22.27 2.38
CA ILE C 183 20.11 -21.10 1.79
C ILE C 183 21.60 -21.36 1.73
N TYR C 184 22.16 -21.37 0.53
CA TYR C 184 23.57 -21.62 0.35
C TYR C 184 24.32 -20.30 0.26
N MET C 185 25.50 -20.24 0.89
CA MET C 185 26.30 -19.02 0.88
C MET C 185 27.66 -19.21 0.18
N ASP D 25 -34.12 2.94 5.82
CA ASP D 25 -33.31 1.80 6.21
C ASP D 25 -32.28 2.15 7.29
N ASP D 26 -32.02 1.17 8.16
CA ASP D 26 -31.05 1.37 9.22
C ASP D 26 -29.63 1.35 8.70
N GLN D 27 -29.36 0.56 7.67
CA GLN D 27 -28.03 0.55 7.09
C GLN D 27 -27.66 1.90 6.52
N VAL D 28 -28.63 2.62 5.95
CA VAL D 28 -28.36 3.93 5.37
C VAL D 28 -27.98 4.93 6.46
N PHE D 29 -28.78 4.96 7.54
CA PHE D 29 -28.46 5.85 8.66
C PHE D 29 -27.09 5.55 9.21
N GLU D 30 -26.71 4.27 9.26
CA GLU D 30 -25.40 3.89 9.77
C GLU D 30 -24.29 4.42 8.86
N ALA D 31 -24.44 4.22 7.54
CA ALA D 31 -23.43 4.64 6.58
C ALA D 31 -23.29 6.17 6.56
N VAL D 32 -24.41 6.87 6.52
CA VAL D 32 -24.35 8.33 6.43
C VAL D 32 -24.00 8.93 7.80
N GLY D 33 -24.36 8.24 8.90
CA GLY D 33 -23.93 8.70 10.21
C GLY D 33 -22.44 8.58 10.41
N THR D 34 -21.81 7.60 9.78
CA THR D 34 -20.38 7.39 9.95
C THR D 34 -19.55 8.25 8.98
N THR D 35 -20.05 8.56 7.79
CA THR D 35 -19.32 9.55 6.98
C THR D 35 -19.44 10.94 7.61
N ASP D 36 -20.57 11.23 8.27
CA ASP D 36 -20.69 12.42 9.11
C ASP D 36 -19.61 12.44 10.19
N GLU D 37 -19.50 11.33 10.93
CA GLU D 37 -18.47 11.18 11.96
C GLU D 37 -17.08 11.40 11.39
N LEU D 38 -16.79 10.82 10.23
CA LEU D 38 -15.50 11.01 9.60
C LEU D 38 -15.28 12.46 9.20
N SER D 39 -16.28 13.09 8.60
CA SER D 39 -16.07 14.47 8.18
C SER D 39 -15.89 15.40 9.39
N SER D 40 -16.56 15.10 10.51
CA SER D 40 -16.39 15.93 11.70
C SER D 40 -15.02 15.70 12.34
N ALA D 41 -14.56 14.46 12.35
CA ALA D 41 -13.21 14.16 12.81
C ALA D 41 -12.18 14.89 11.95
N ILE D 42 -12.39 14.93 10.63
CA ILE D 42 -11.46 15.64 9.76
C ILE D 42 -11.46 17.12 10.10
N GLY D 43 -12.65 17.67 10.43
CA GLY D 43 -12.73 19.07 10.83
C GLY D 43 -11.89 19.39 12.05
N PHE D 44 -11.87 18.50 13.04
CA PHE D 44 -10.97 18.70 14.16
C PHE D 44 -9.52 18.65 13.70
N ALA D 45 -9.14 17.63 12.93
CA ALA D 45 -7.76 17.57 12.43
C ALA D 45 -7.41 18.84 11.68
N LEU D 46 -8.36 19.35 10.88
CA LEU D 46 -8.16 20.56 10.10
C LEU D 46 -7.77 21.75 10.98
N GLU D 47 -8.38 21.86 12.16
CA GLU D 47 -8.04 22.96 13.06
C GLU D 47 -6.59 22.88 13.50
N LEU D 48 -6.13 21.67 13.84
CA LEU D 48 -4.73 21.50 14.25
C LEU D 48 -3.78 21.79 13.08
N VAL D 49 -4.17 21.42 11.87
CA VAL D 49 -3.33 21.67 10.70
C VAL D 49 -3.20 23.17 10.48
N THR D 50 -4.34 23.87 10.43
CA THR D 50 -4.35 25.30 10.18
C THR D 50 -3.54 26.06 11.22
N GLU D 51 -3.50 25.57 12.45
CA GLU D 51 -2.75 26.27 13.49
C GLU D 51 -1.26 26.28 13.20
N LYS D 52 -0.71 25.16 12.73
CA LYS D 52 0.69 25.09 12.37
C LYS D 52 0.94 25.36 10.88
N GLY D 53 0.05 26.11 10.24
CA GLY D 53 0.19 26.57 8.87
C GLY D 53 0.74 25.57 7.86
N HIS D 54 0.06 24.45 7.69
CA HIS D 54 0.38 23.51 6.62
C HIS D 54 -0.59 23.77 5.46
N THR D 55 -0.05 23.77 4.24
CA THR D 55 -0.87 24.13 3.09
C THR D 55 -1.95 23.09 2.79
N PHE D 56 -1.72 21.83 3.19
CA PHE D 56 -2.68 20.80 2.83
C PHE D 56 -3.97 20.89 3.62
N ALA D 57 -4.20 21.95 4.39
CA ALA D 57 -5.52 22.15 4.98
C ALA D 57 -6.61 22.24 3.92
N GLU D 58 -6.32 22.92 2.81
CA GLU D 58 -7.28 23.05 1.73
C GLU D 58 -7.70 21.70 1.21
N GLU D 59 -6.77 20.73 1.15
CA GLU D 59 -7.13 19.41 0.68
C GLU D 59 -8.13 18.74 1.63
N LEU D 60 -7.89 18.86 2.95
CA LEU D 60 -8.81 18.28 3.94
C LEU D 60 -10.20 18.90 3.80
N GLN D 61 -10.25 20.19 3.51
CA GLN D 61 -11.53 20.87 3.36
C GLN D 61 -12.25 20.41 2.10
N LYS D 62 -11.50 20.18 1.01
CA LYS D 62 -12.11 19.64 -0.21
C LYS D 62 -12.64 18.23 0.02
N ILE D 63 -11.94 17.44 0.83
CA ILE D 63 -12.43 16.10 1.14
C ILE D 63 -13.74 16.18 1.92
N GLN D 64 -13.88 17.17 2.82
CA GLN D 64 -15.15 17.38 3.51
C GLN D 64 -16.28 17.67 2.52
N CYS D 65 -15.99 18.43 1.44
CA CYS D 65 -17.01 18.65 0.40
C CYS D 65 -17.40 17.35 -0.26
N THR D 66 -16.42 16.56 -0.69
CA THR D 66 -16.72 15.28 -1.29
C THR D 66 -17.51 14.38 -0.32
N LEU D 67 -17.16 14.39 0.97
CA LEU D 67 -17.92 13.57 1.92
C LEU D 67 -19.36 14.01 1.99
N GLN D 68 -19.62 15.30 1.79
CA GLN D 68 -20.99 15.78 1.72
C GLN D 68 -21.72 15.16 0.51
N ASP D 69 -21.07 15.17 -0.65
CA ASP D 69 -21.65 14.50 -1.82
C ASP D 69 -21.80 13.00 -1.59
N VAL D 70 -20.87 12.38 -0.85
CA VAL D 70 -21.02 10.98 -0.48
C VAL D 70 -22.30 10.76 0.30
N GLY D 71 -22.59 11.66 1.25
CA GLY D 71 -23.82 11.53 2.02
C GLY D 71 -25.08 11.63 1.17
N SER D 72 -25.07 12.55 0.20
CA SER D 72 -26.20 12.63 -0.72
C SER D 72 -26.34 11.36 -1.55
N ALA D 73 -25.22 10.82 -2.03
CA ALA D 73 -25.29 9.58 -2.80
C ALA D 73 -25.85 8.45 -1.96
N LEU D 74 -25.44 8.36 -0.69
CA LEU D 74 -25.91 7.27 0.17
C LEU D 74 -27.41 7.39 0.46
N ALA D 75 -27.94 8.60 0.49
CA ALA D 75 -29.34 8.82 0.80
C ALA D 75 -30.19 9.19 -0.42
N THR D 76 -30.19 8.36 -1.46
CA THR D 76 -31.02 8.63 -2.65
C THR D 76 -32.52 8.69 -2.33
N LYS D 87 -30.90 2.72 -10.08
CA LYS D 87 -31.45 2.53 -8.75
C LYS D 87 -30.67 3.27 -7.65
N TYR D 88 -29.54 3.88 -8.01
CA TYR D 88 -28.76 4.68 -7.08
C TYR D 88 -28.20 5.91 -7.77
N THR D 89 -27.90 6.93 -6.96
CA THR D 89 -27.25 8.13 -7.47
C THR D 89 -25.88 7.77 -8.03
N THR D 90 -25.57 8.33 -9.20
CA THR D 90 -24.25 8.18 -9.78
C THR D 90 -23.25 9.00 -8.95
N PHE D 91 -22.19 8.33 -8.47
CA PHE D 91 -21.07 9.00 -7.83
C PHE D 91 -19.89 8.90 -8.79
N LYS D 92 -19.50 10.04 -9.37
CA LYS D 92 -18.45 10.07 -10.38
C LYS D 92 -17.09 9.81 -9.75
N ALA D 93 -16.21 9.18 -10.53
CA ALA D 93 -14.90 8.74 -10.06
C ALA D 93 -13.83 9.83 -10.12
N GLY D 94 -14.20 11.07 -10.45
CA GLY D 94 -13.29 12.18 -10.40
C GLY D 94 -12.60 12.35 -9.05
N PRO D 95 -13.36 12.36 -7.95
CA PRO D 95 -12.71 12.50 -6.64
C PRO D 95 -11.70 11.40 -6.34
N ILE D 96 -11.97 10.15 -6.74
CA ILE D 96 -11.03 9.07 -6.49
C ILE D 96 -9.71 9.31 -7.22
N LEU D 97 -9.78 9.77 -8.47
CA LEU D 97 -8.54 10.02 -9.22
C LEU D 97 -7.74 11.17 -8.60
N GLU D 98 -8.42 12.22 -8.12
CA GLU D 98 -7.73 13.34 -7.49
C GLU D 98 -7.03 12.89 -6.21
N LEU D 99 -7.71 12.09 -5.38
CA LEU D 99 -7.05 11.49 -4.21
C LEU D 99 -5.79 10.75 -4.63
N GLU D 100 -5.90 9.93 -5.68
CA GLU D 100 -4.75 9.15 -6.12
C GLU D 100 -3.59 10.04 -6.56
N GLN D 101 -3.88 11.21 -7.14
CA GLN D 101 -2.80 12.15 -7.43
C GLN D 101 -2.18 12.68 -6.15
N TRP D 102 -3.01 12.98 -5.15
CA TRP D 102 -2.47 13.47 -3.89
C TRP D 102 -1.67 12.39 -3.17
N ILE D 103 -2.14 11.15 -3.22
CA ILE D 103 -1.41 10.06 -2.58
C ILE D 103 -0.01 9.93 -3.18
N ASP D 104 0.09 10.02 -4.51
CA ASP D 104 1.39 9.91 -5.18
C ASP D 104 2.29 11.09 -4.87
N LYS D 105 1.73 12.30 -4.87
CA LYS D 105 2.48 13.49 -4.47
C LYS D 105 3.15 13.34 -3.09
N TYR D 106 2.48 12.69 -2.14
CA TYR D 106 3.03 12.56 -0.80
C TYR D 106 3.87 11.30 -0.60
N THR D 107 3.44 10.16 -1.15
CA THR D 107 4.18 8.92 -0.94
C THR D 107 5.62 9.05 -1.46
N SER D 108 5.80 9.71 -2.59
CA SER D 108 7.09 9.86 -3.25
C SER D 108 8.05 10.75 -2.47
N GLN D 109 7.60 11.42 -1.42
CA GLN D 109 8.45 12.21 -0.54
C GLN D 109 8.78 11.52 0.78
N LEU D 110 8.25 10.35 1.03
CA LEU D 110 8.38 9.70 2.32
C LEU D 110 9.47 8.64 2.31
N PRO D 111 10.05 8.32 3.47
CA PRO D 111 11.02 7.24 3.54
C PRO D 111 10.35 5.90 3.28
N PRO D 112 11.09 4.90 2.82
CA PRO D 112 10.47 3.61 2.53
C PRO D 112 9.95 2.99 3.81
N LEU D 113 8.85 2.25 3.66
CA LEU D 113 8.16 1.68 4.80
C LEU D 113 7.68 0.30 4.40
N THR D 114 8.17 -0.72 5.10
CA THR D 114 7.79 -2.10 4.86
C THR D 114 7.22 -2.75 6.12
N ALA D 115 6.76 -1.94 7.07
CA ALA D 115 6.24 -2.47 8.33
C ALA D 115 5.10 -1.60 8.81
N PHE D 116 4.28 -2.15 9.72
CA PHE D 116 3.31 -1.35 10.44
C PHE D 116 4.01 -0.30 11.29
N ILE D 117 3.39 0.88 11.38
CA ILE D 117 3.88 1.94 12.26
C ILE D 117 2.88 2.09 13.40
N LEU D 118 3.36 2.59 14.53
CA LEU D 118 2.46 2.94 15.63
C LEU D 118 1.76 4.26 15.30
N PRO D 119 0.45 4.34 15.47
CA PRO D 119 -0.24 5.63 15.25
C PRO D 119 0.26 6.70 16.20
N SER D 120 1.14 7.56 15.72
CA SER D 120 1.70 8.62 16.53
C SER D 120 2.21 9.70 15.59
N GLY D 121 3.35 10.31 15.91
CA GLY D 121 4.02 11.21 15.00
C GLY D 121 3.73 12.67 15.18
N GLY D 122 3.14 13.07 16.31
CA GLY D 122 2.70 14.43 16.50
C GLY D 122 1.19 14.53 16.54
N LYS D 123 0.71 15.69 17.01
CA LYS D 123 -0.73 15.85 17.20
C LYS D 123 -1.47 15.76 15.88
N ILE D 124 -0.97 16.45 14.84
CA ILE D 124 -1.61 16.41 13.53
C ILE D 124 -1.61 14.98 12.98
N SER D 125 -0.43 14.33 13.01
CA SER D 125 -0.32 13.00 12.44
C SER D 125 -1.23 12.01 13.18
N SER D 126 -1.22 12.06 14.51
CA SER D 126 -2.02 11.11 15.27
C SER D 126 -3.52 11.37 15.09
N ALA D 127 -3.92 12.64 15.00
CA ALA D 127 -5.33 12.93 14.71
C ALA D 127 -5.72 12.43 13.32
N LEU D 128 -4.79 12.53 12.36
CA LEU D 128 -5.09 12.01 11.03
C LEU D 128 -5.20 10.48 11.03
N HIS D 129 -4.40 9.80 11.86
CA HIS D 129 -4.52 8.35 11.97
C HIS D 129 -5.87 7.94 12.55
N PHE D 130 -6.43 8.75 13.46
CA PHE D 130 -7.75 8.43 13.99
C PHE D 130 -8.82 8.66 12.93
N CYS D 131 -8.74 9.78 12.21
CA CYS D 131 -9.57 10.00 11.04
C CYS D 131 -9.49 8.82 10.10
N ARG D 132 -8.27 8.30 9.92
CA ARG D 132 -8.06 7.14 9.04
C ARG D 132 -8.88 5.95 9.50
N ALA D 133 -8.78 5.60 10.79
CA ALA D 133 -9.51 4.44 11.30
C ALA D 133 -11.02 4.65 11.19
N VAL D 134 -11.50 5.86 11.49
CA VAL D 134 -12.92 6.20 11.35
C VAL D 134 -13.34 6.10 9.89
N CYS D 135 -12.50 6.57 8.96
CA CYS D 135 -12.77 6.40 7.54
C CYS D 135 -12.90 4.91 7.18
N ARG D 136 -12.04 4.07 7.75
CA ARG D 136 -12.16 2.65 7.42
C ARG D 136 -13.44 2.04 7.96
N ARG D 137 -13.94 2.58 9.08
CA ARG D 137 -15.22 2.14 9.61
C ARG D 137 -16.37 2.61 8.71
N ALA D 138 -16.27 3.83 8.19
CA ALA D 138 -17.26 4.32 7.23
C ALA D 138 -17.34 3.40 6.01
N LYS D 139 -16.19 3.00 5.47
CA LYS D 139 -16.17 2.09 4.34
C LYS D 139 -16.88 0.78 4.67
N ARG D 140 -16.64 0.22 5.86
CA ARG D 140 -17.33 -1.02 6.26
C ARG D 140 -18.84 -0.83 6.29
N ARG D 141 -19.31 0.34 6.73
CA ARG D 141 -20.75 0.59 6.77
C ARG D 141 -21.35 0.81 5.39
N VAL D 142 -20.53 1.14 4.39
CA VAL D 142 -21.03 1.33 3.04
C VAL D 142 -21.09 0.02 2.26
N VAL D 143 -20.28 -0.98 2.66
CA VAL D 143 -20.15 -2.19 1.87
C VAL D 143 -21.47 -2.94 1.67
N PRO D 144 -22.31 -3.15 2.69
CA PRO D 144 -23.58 -3.85 2.43
C PRO D 144 -24.51 -3.11 1.47
N LEU D 145 -24.46 -1.77 1.43
CA LEU D 145 -25.28 -1.03 0.49
C LEU D 145 -24.78 -1.18 -0.94
N VAL D 146 -23.48 -1.27 -1.13
CA VAL D 146 -22.95 -1.56 -2.46
C VAL D 146 -23.26 -3.02 -2.84
N GLN D 147 -23.15 -3.93 -1.88
CA GLN D 147 -23.34 -5.36 -2.15
C GLN D 147 -24.75 -5.65 -2.68
N MET D 148 -25.74 -5.00 -2.11
CA MET D 148 -27.12 -5.23 -2.54
C MET D 148 -27.60 -4.17 -3.54
N GLY D 149 -26.68 -3.39 -4.12
CA GLY D 149 -26.96 -2.57 -5.29
C GLY D 149 -27.60 -1.22 -5.06
N GLU D 150 -27.68 -0.74 -3.81
CA GLU D 150 -28.33 0.54 -3.53
C GLU D 150 -27.39 1.73 -3.54
N THR D 151 -26.08 1.51 -3.64
CA THR D 151 -25.10 2.60 -3.65
C THR D 151 -24.06 2.34 -4.74
N ASP D 152 -23.63 3.40 -5.40
CA ASP D 152 -22.52 3.31 -6.34
C ASP D 152 -21.30 2.71 -5.64
N ALA D 153 -20.70 1.70 -6.26
CA ALA D 153 -19.47 1.14 -5.73
C ALA D 153 -18.33 2.16 -5.69
N ASN D 154 -18.40 3.22 -6.50
CA ASN D 154 -17.42 4.29 -6.44
C ASN D 154 -17.32 4.90 -5.05
N VAL D 155 -18.43 4.93 -4.30
CA VAL D 155 -18.44 5.47 -2.95
C VAL D 155 -17.48 4.69 -2.05
N ALA D 156 -17.57 3.36 -2.10
CA ALA D 156 -16.66 2.53 -1.32
C ALA D 156 -15.21 2.70 -1.77
N LYS D 157 -15.00 2.82 -3.09
CA LYS D 157 -13.64 2.97 -3.60
C LYS D 157 -13.04 4.29 -3.15
N PHE D 158 -13.85 5.36 -3.14
CA PHE D 158 -13.37 6.64 -2.64
C PHE D 158 -12.99 6.54 -1.17
N LEU D 159 -13.81 5.85 -0.37
CA LEU D 159 -13.55 5.76 1.06
C LEU D 159 -12.27 4.99 1.35
N ASN D 160 -12.04 3.86 0.65
CA ASN D 160 -10.81 3.13 0.88
C ASN D 160 -9.59 3.93 0.42
N ARG D 161 -9.70 4.65 -0.70
CA ARG D 161 -8.60 5.49 -1.14
C ARG D 161 -8.36 6.65 -0.18
N LEU D 162 -9.45 7.18 0.40
CA LEU D 162 -9.32 8.22 1.39
C LEU D 162 -8.54 7.74 2.61
N SER D 163 -8.75 6.48 3.02
CA SER D 163 -8.01 5.98 4.16
C SER D 163 -6.53 5.83 3.84
N ASP D 164 -6.19 5.54 2.58
CA ASP D 164 -4.79 5.53 2.15
C ASP D 164 -4.22 6.94 2.13
N TYR D 165 -4.97 7.90 1.61
CA TYR D 165 -4.57 9.29 1.67
C TYR D 165 -4.31 9.74 3.10
N LEU D 166 -5.21 9.40 4.02
CA LEU D 166 -5.04 9.86 5.41
C LEU D 166 -3.83 9.20 6.06
N PHE D 167 -3.55 7.94 5.71
CA PHE D 167 -2.36 7.28 6.22
C PHE D 167 -1.10 7.99 5.73
N THR D 168 -1.05 8.29 4.43
CA THR D 168 0.12 8.95 3.83
C THR D 168 0.27 10.37 4.34
N LEU D 169 -0.85 11.10 4.44
CA LEU D 169 -0.80 12.47 4.96
C LEU D 169 -0.28 12.51 6.39
N ALA D 170 -0.70 11.55 7.23
CA ALA D 170 -0.18 11.46 8.59
C ALA D 170 1.34 11.28 8.59
N ARG D 171 1.83 10.34 7.78
CA ARG D 171 3.26 10.14 7.69
C ARG D 171 3.96 11.41 7.20
N TYR D 172 3.35 12.10 6.24
CA TYR D 172 3.92 13.34 5.71
C TYR D 172 3.97 14.42 6.77
N ALA D 173 2.88 14.60 7.53
CA ALA D 173 2.90 15.61 8.57
C ALA D 173 3.92 15.28 9.65
N ALA D 174 4.05 13.98 9.98
CA ALA D 174 5.05 13.54 10.95
C ALA D 174 6.45 13.87 10.45
N MET D 175 6.74 13.59 9.19
CA MET D 175 8.06 13.87 8.64
C MET D 175 8.33 15.36 8.64
N LYS D 176 7.37 16.17 8.18
CA LYS D 176 7.58 17.61 8.09
C LYS D 176 7.80 18.25 9.46
N GLU D 177 7.37 17.58 10.55
CA GLU D 177 7.61 18.08 11.89
C GLU D 177 8.86 17.48 12.54
N GLY D 178 9.58 16.61 11.84
CA GLY D 178 10.76 16.01 12.40
C GLY D 178 10.53 14.92 13.40
N ASN D 179 9.37 14.28 13.39
CA ASN D 179 9.06 13.18 14.29
C ASN D 179 9.28 11.87 13.55
N GLN D 180 10.18 11.05 14.05
CA GLN D 180 10.45 9.81 13.33
C GLN D 180 9.37 8.78 13.64
N GLU D 181 9.17 7.88 12.68
CA GLU D 181 8.13 6.87 12.78
C GLU D 181 8.55 5.79 13.75
N LYS D 182 7.62 5.39 14.62
CA LYS D 182 7.82 4.28 15.52
C LYS D 182 7.41 2.99 14.84
N ILE D 183 8.36 2.05 14.71
CA ILE D 183 8.13 0.73 14.11
C ILE D 183 8.42 -0.32 15.16
N TYR D 184 7.41 -1.12 15.50
CA TYR D 184 7.53 -2.16 16.51
C TYR D 184 7.87 -3.48 15.83
N MET D 185 8.89 -4.17 16.33
CA MET D 185 9.28 -5.49 15.82
C MET D 185 8.98 -6.62 16.81
#